data_6LU3
#
_entry.id   6LU3
#
_cell.length_a   51.296
_cell.length_b   77.561
_cell.length_c   121.711
_cell.angle_alpha   90.000
_cell.angle_beta   90.000
_cell.angle_gamma   90.000
#
_symmetry.space_group_name_H-M   'P 21 21 21'
#
loop_
_entity.id
_entity.type
_entity.pdbx_description
1 polymer 'Substrate binding protein'
2 non-polymer 4-oxidanylbenzohydrazide
3 water water
#
_entity_poly.entity_id   1
_entity_poly.type   'polypeptide(L)'
_entity_poly.pdbx_seq_one_letter_code
;MGSSHHHHHHSSGLVPRGSHMASMDSEPSTTSTVRVGFDTPQSLSPFNALALPDYQTARLSYDTLVRRDAGGVVPGLAAS
WTGDAAQLTFTIRDGATCSDGTEITPTVVADSLSAFAKNAGPSTVVDTFGGLNPAITADDAAGTVMITPEAPWADLLAAL
SVASTGIVCPAGLANLDGLNTGSVEGAESGPYVLSEVEPGVRYTYELRDDYDSWPEWETTLEGEIPKTIEYTVVKDPSAS
ANQILSGQLDLGRIMPDSRSRFSDSQLVSNPFGNFYLVFNEREGAVFADEKNREAVAQVLDRDAFDQTTTDGTGELTDTF
GSKATQCATAAPRPALTALDESAAAETLAGVKIRLLGAQVVGAAGAGNTYLEAALREAGADVTLENVDIGTWAGRVFGQP
ESYDLTVFPDLNFTGTLTSGISRFTGPDLLQNGGNISGAVSETANALAQQARTATTPEQKCAADAEAVAALVAEHHTVPL
LVESFIYAKRDGFSVTMLGGSLDDHLFRITK
;
_entity_poly.pdbx_strand_id   A
#
# COMPACT_ATOMS: atom_id res chain seq x y z
N THR A 31 -2.15 19.27 26.41
CA THR A 31 -1.78 17.83 26.15
C THR A 31 -0.81 17.73 24.96
N SER A 32 0.06 16.72 24.98
CA SER A 32 1.10 16.47 23.94
C SER A 32 0.97 15.05 23.36
N THR A 33 -0.05 14.31 23.79
CA THR A 33 -0.27 12.89 23.39
C THR A 33 -1.45 12.78 22.41
N VAL A 34 -1.27 11.97 21.37
CA VAL A 34 -2.37 11.56 20.45
C VAL A 34 -2.53 10.04 20.49
N ARG A 35 -3.77 9.58 20.68
CA ARG A 35 -4.14 8.14 20.67
C ARG A 35 -4.86 7.81 19.36
N VAL A 36 -4.20 7.05 18.49
CA VAL A 36 -4.70 6.75 17.12
C VAL A 36 -5.14 5.30 17.02
N GLY A 37 -6.38 5.08 16.59
CA GLY A 37 -6.88 3.75 16.22
C GLY A 37 -6.18 3.24 14.97
N PHE A 38 -5.84 1.95 14.94
CA PHE A 38 -5.24 1.33 13.73
C PHE A 38 -5.33 -0.19 13.83
N ASP A 39 -4.97 -0.88 12.74
CA ASP A 39 -5.04 -2.36 12.68
C ASP A 39 -3.75 -2.95 13.24
N THR A 40 -3.76 -4.23 13.57
CA THR A 40 -2.58 -4.92 14.16
C THR A 40 -1.51 -5.02 13.08
N PRO A 41 -0.27 -4.57 13.34
CA PRO A 41 0.79 -4.80 12.37
C PRO A 41 1.11 -6.29 12.25
N GLN A 42 1.59 -6.69 11.08
CA GLN A 42 2.21 -8.04 10.93
C GLN A 42 3.75 -7.89 11.02
N SER A 43 4.28 -6.67 10.97
CA SER A 43 5.73 -6.44 11.16
C SER A 43 6.00 -4.98 11.50
N LEU A 44 7.02 -4.75 12.33
CA LEU A 44 7.51 -3.38 12.63
C LEU A 44 8.85 -3.14 11.95
N SER A 45 9.32 -4.09 11.14
CA SER A 45 10.51 -3.88 10.28
C SER A 45 10.05 -3.29 8.95
N PRO A 46 10.64 -2.17 8.49
CA PRO A 46 10.34 -1.62 7.18
C PRO A 46 10.47 -2.65 6.05
N PHE A 47 11.47 -3.51 6.16
CA PHE A 47 11.77 -4.55 5.14
C PHE A 47 10.60 -5.53 5.03
N ASN A 48 9.89 -5.86 6.11
CA ASN A 48 8.80 -6.87 6.01
C ASN A 48 7.44 -6.19 5.95
N ALA A 49 7.39 -4.89 5.67
CA ALA A 49 6.11 -4.14 5.67
C ALA A 49 5.29 -4.53 4.43
N LEU A 50 4.04 -4.94 4.65
CA LEU A 50 3.12 -5.40 3.57
C LEU A 50 1.74 -4.75 3.71
N ALA A 51 1.30 -4.50 4.95
CA ALA A 51 -0.05 -3.98 5.26
C ALA A 51 0.06 -2.59 5.87
N LEU A 52 -0.98 -1.78 5.72
CA LEU A 52 -1.01 -0.37 6.15
C LEU A 52 -0.45 -0.18 7.57
N PRO A 53 -0.89 -0.91 8.61
CA PRO A 53 -0.35 -0.71 9.96
C PRO A 53 1.19 -0.81 10.04
N ASP A 54 1.78 -1.74 9.27
CA ASP A 54 3.25 -1.86 9.13
C ASP A 54 3.84 -0.54 8.62
N TYR A 55 3.22 0.04 7.59
CA TYR A 55 3.72 1.31 7.00
C TYR A 55 3.52 2.44 8.01
N GLN A 56 2.40 2.44 8.73
CA GLN A 56 2.07 3.52 9.70
C GLN A 56 3.15 3.61 10.79
N THR A 57 3.59 2.46 11.30
CA THR A 57 4.64 2.36 12.34
C THR A 57 6.01 2.73 11.75
N ALA A 58 6.35 2.15 10.60
CA ALA A 58 7.63 2.42 9.90
C ALA A 58 7.78 3.93 9.63
N ARG A 59 6.66 4.61 9.40
CA ARG A 59 6.66 6.08 9.10
C ARG A 59 7.16 6.86 10.33
N LEU A 60 6.78 6.44 11.53
CA LEU A 60 7.16 7.14 12.78
C LEU A 60 8.66 6.93 13.10
N SER A 61 9.15 5.69 12.94
CA SER A 61 10.50 5.25 13.37
C SER A 61 11.58 5.54 12.33
N TYR A 62 11.24 5.60 11.05
CA TYR A 62 12.25 5.71 9.96
C TYR A 62 11.87 6.81 8.96
N ASP A 63 12.89 7.39 8.33
CA ASP A 63 12.77 8.54 7.40
C ASP A 63 13.09 8.09 5.98
N THR A 64 12.23 8.43 5.03
CA THR A 64 12.44 8.13 3.59
C THR A 64 13.19 9.27 2.92
N LEU A 65 13.86 8.95 1.82
CA LEU A 65 14.69 9.92 1.05
C LEU A 65 13.83 11.09 0.57
N VAL A 66 12.57 10.81 0.18
CA VAL A 66 11.61 11.85 -0.32
C VAL A 66 10.25 11.68 0.36
N ARG A 67 9.42 12.71 0.31
CA ARG A 67 8.05 12.67 0.91
C ARG A 67 7.01 13.32 -0.03
N ARG A 68 5.78 12.79 0.03
CA ARG A 68 4.62 13.21 -0.80
C ARG A 68 4.16 14.61 -0.38
N ASP A 69 3.83 15.45 -1.37
CA ASP A 69 3.14 16.75 -1.21
C ASP A 69 2.46 17.09 -2.54
N ALA A 70 1.63 18.14 -2.62
CA ALA A 70 0.87 18.49 -3.84
C ALA A 70 1.83 18.71 -5.04
N GLY A 71 1.49 18.14 -6.20
CA GLY A 71 2.31 18.25 -7.43
C GLY A 71 3.55 17.35 -7.42
N GLY A 72 3.61 16.34 -6.54
CA GLY A 72 4.65 15.30 -6.60
C GLY A 72 5.36 15.10 -5.28
N VAL A 73 6.70 15.14 -5.31
CA VAL A 73 7.56 14.66 -4.20
C VAL A 73 8.44 15.81 -3.67
N VAL A 74 8.66 15.78 -2.36
CA VAL A 74 9.32 16.85 -1.54
C VAL A 74 10.57 16.27 -0.88
N PRO A 75 11.67 17.06 -0.77
CA PRO A 75 12.87 16.63 -0.05
C PRO A 75 12.59 16.18 1.39
N GLY A 76 13.11 14.99 1.74
CA GLY A 76 13.05 14.42 3.09
C GLY A 76 14.45 14.28 3.64
N LEU A 77 14.94 13.05 3.76
CA LEU A 77 16.34 12.78 4.19
C LEU A 77 17.33 13.11 3.07
N ALA A 78 16.86 13.25 1.82
CA ALA A 78 17.68 13.76 0.70
C ALA A 78 17.23 15.20 0.39
N ALA A 79 18.18 16.14 0.34
CA ALA A 79 17.91 17.57 0.09
C ALA A 79 17.57 17.81 -1.39
N SER A 80 18.18 17.07 -2.32
CA SER A 80 17.73 17.09 -3.73
C SER A 80 18.29 15.90 -4.52
N TRP A 81 17.87 15.82 -5.76
CA TRP A 81 18.16 14.63 -6.60
C TRP A 81 18.11 15.05 -8.07
N THR A 82 18.74 14.25 -8.92
CA THR A 82 18.79 14.49 -10.37
C THR A 82 18.71 13.15 -11.08
N GLY A 83 18.27 13.15 -12.32
CA GLY A 83 18.24 11.93 -13.14
C GLY A 83 16.83 11.61 -13.57
N ASP A 84 16.63 10.44 -14.16
CA ASP A 84 15.32 10.00 -14.70
C ASP A 84 15.15 8.49 -14.45
N ALA A 85 14.31 7.86 -15.27
CA ALA A 85 13.89 6.45 -15.11
C ALA A 85 15.09 5.50 -15.08
N ALA A 86 16.19 5.79 -15.78
CA ALA A 86 17.35 4.86 -15.91
C ALA A 86 18.32 5.00 -14.73
N GLN A 87 18.34 6.18 -14.09
CA GLN A 87 19.33 6.45 -13.02
C GLN A 87 18.90 7.67 -12.21
N LEU A 88 18.96 7.56 -10.90
CA LEU A 88 18.73 8.70 -9.96
C LEU A 88 19.94 8.82 -9.04
N THR A 89 20.30 10.06 -8.73
CA THR A 89 21.36 10.41 -7.75
C THR A 89 20.73 11.29 -6.68
N PHE A 90 20.74 10.81 -5.44
CA PHE A 90 20.24 11.56 -4.26
C PHE A 90 21.41 12.18 -3.54
N THR A 91 21.35 13.48 -3.30
CA THR A 91 22.28 14.18 -2.41
C THR A 91 21.67 14.20 -1.02
N ILE A 92 22.34 13.54 -0.08
CA ILE A 92 21.85 13.39 1.32
C ILE A 92 21.98 14.75 2.02
N ARG A 93 21.12 14.97 3.02
CA ARG A 93 21.01 16.27 3.72
C ARG A 93 21.98 16.27 4.90
N ASP A 94 22.23 17.48 5.41
CA ASP A 94 23.17 17.73 6.53
C ASP A 94 22.41 17.68 7.86
N GLY A 95 23.12 17.28 8.92
CA GLY A 95 22.61 17.26 10.31
C GLY A 95 21.64 16.11 10.55
N ALA A 96 21.59 15.13 9.64
CA ALA A 96 20.71 13.95 9.79
C ALA A 96 21.40 12.91 10.67
N THR A 97 20.69 12.47 11.70
CA THR A 97 21.27 11.66 12.79
C THR A 97 20.37 10.45 13.05
N CYS A 98 20.95 9.35 13.51
CA CYS A 98 20.24 8.15 14.02
C CYS A 98 19.88 8.37 15.48
N SER A 99 19.07 7.49 16.08
CA SER A 99 18.66 7.65 17.50
C SER A 99 19.82 7.33 18.47
N ASP A 100 20.98 6.85 17.99
CA ASP A 100 22.21 6.76 18.83
C ASP A 100 23.11 8.00 18.62
N GLY A 101 23.25 8.49 17.38
CA GLY A 101 24.08 9.67 17.09
C GLY A 101 24.84 9.57 15.79
N THR A 102 24.97 8.37 15.22
CA THR A 102 25.67 8.16 13.92
C THR A 102 25.18 9.21 12.92
N GLU A 103 26.11 9.90 12.27
CA GLU A 103 25.80 10.79 11.13
C GLU A 103 25.18 9.94 10.02
N ILE A 104 24.01 10.34 9.53
CA ILE A 104 23.39 9.67 8.35
C ILE A 104 24.21 10.11 7.14
N THR A 105 24.98 9.19 6.59
CA THR A 105 25.92 9.45 5.48
C THR A 105 25.48 8.63 4.29
N PRO A 106 25.93 8.98 3.05
CA PRO A 106 25.68 8.14 1.89
C PRO A 106 25.85 6.62 2.10
N THR A 107 26.88 6.16 2.80
CA THR A 107 27.08 4.71 3.08
C THR A 107 25.97 4.18 3.99
N VAL A 108 25.45 4.99 4.92
CA VAL A 108 24.35 4.55 5.85
C VAL A 108 23.10 4.26 5.02
N VAL A 109 22.77 5.19 4.13
CA VAL A 109 21.58 5.13 3.24
C VAL A 109 21.74 3.93 2.29
N ALA A 110 22.82 3.88 1.51
CA ALA A 110 23.07 2.80 0.52
C ALA A 110 23.06 1.42 1.20
N ASP A 111 23.56 1.34 2.44
CA ASP A 111 23.54 0.11 3.26
C ASP A 111 22.08 -0.24 3.57
N SER A 112 21.30 0.73 4.04
CA SER A 112 19.84 0.56 4.28
C SER A 112 19.14 0.10 2.99
N LEU A 113 19.32 0.82 1.89
CA LEU A 113 18.55 0.58 0.64
C LEU A 113 18.98 -0.77 0.03
N SER A 114 20.24 -1.16 0.18
CA SER A 114 20.78 -2.49 -0.23
C SER A 114 20.12 -3.59 0.61
N ALA A 115 20.11 -3.38 1.92
CA ALA A 115 19.48 -4.32 2.88
C ALA A 115 17.99 -4.47 2.57
N PHE A 116 17.32 -3.37 2.20
CA PHE A 116 15.91 -3.40 1.73
C PHE A 116 15.82 -4.27 0.48
N ALA A 117 16.67 -4.01 -0.52
CA ALA A 117 16.67 -4.73 -1.82
C ALA A 117 16.90 -6.23 -1.61
N LYS A 118 17.76 -6.59 -0.66
CA LYS A 118 18.14 -7.99 -0.37
C LYS A 118 17.10 -8.66 0.52
N ASN A 119 16.49 -7.94 1.48
CA ASN A 119 15.67 -8.58 2.55
C ASN A 119 14.16 -8.41 2.36
N ALA A 120 13.69 -7.34 1.69
CA ALA A 120 12.24 -7.11 1.52
C ALA A 120 11.62 -8.21 0.66
N GLY A 121 10.30 -8.29 0.66
CA GLY A 121 9.58 -9.25 -0.18
C GLY A 121 9.91 -8.99 -1.65
N PRO A 122 10.01 -10.05 -2.48
CA PRO A 122 10.35 -9.89 -3.89
C PRO A 122 9.44 -8.86 -4.58
N SER A 123 8.15 -8.92 -4.24
CA SER A 123 7.06 -8.06 -4.79
C SER A 123 7.40 -6.58 -4.59
N THR A 124 7.66 -6.15 -3.36
CA THR A 124 7.95 -4.72 -3.06
C THR A 124 9.32 -4.30 -3.62
N VAL A 125 10.27 -5.23 -3.83
CA VAL A 125 11.61 -4.87 -4.39
C VAL A 125 11.45 -4.56 -5.89
N VAL A 126 10.80 -5.45 -6.65
CA VAL A 126 10.58 -5.22 -8.11
C VAL A 126 9.70 -3.98 -8.31
N ASP A 127 8.76 -3.73 -7.40
CA ASP A 127 7.91 -2.51 -7.37
C ASP A 127 8.76 -1.24 -7.20
N THR A 128 9.84 -1.31 -6.41
CA THR A 128 10.70 -0.14 -6.08
C THR A 128 11.78 0.06 -7.13
N PHE A 129 12.35 -1.01 -7.69
CA PHE A 129 13.57 -0.97 -8.54
C PHE A 129 13.37 -1.57 -9.94
N GLY A 130 12.20 -2.11 -10.26
CA GLY A 130 11.96 -2.78 -11.55
C GLY A 130 12.72 -4.09 -11.68
N GLY A 131 13.28 -4.60 -10.58
CA GLY A 131 14.09 -5.82 -10.56
C GLY A 131 14.77 -6.02 -9.21
N LEU A 132 15.37 -7.18 -8.99
CA LEU A 132 15.95 -7.58 -7.68
C LEU A 132 17.38 -7.06 -7.48
N ASN A 133 18.03 -6.58 -8.54
CA ASN A 133 19.48 -6.25 -8.51
C ASN A 133 19.70 -4.83 -9.00
N PRO A 134 19.24 -3.79 -8.27
CA PRO A 134 19.65 -2.43 -8.59
C PRO A 134 21.13 -2.27 -8.21
N ALA A 135 21.76 -1.22 -8.76
CA ALA A 135 23.08 -0.72 -8.31
C ALA A 135 22.85 0.40 -7.32
N ILE A 136 23.45 0.32 -6.14
CA ILE A 136 23.31 1.34 -5.07
C ILE A 136 24.72 1.67 -4.58
N THR A 137 25.14 2.93 -4.69
CA THR A 137 26.55 3.27 -4.40
C THR A 137 26.65 4.67 -3.81
N ALA A 138 27.23 4.72 -2.61
CA ALA A 138 27.47 5.93 -1.80
C ALA A 138 28.81 6.56 -2.16
N ASP A 139 28.97 7.80 -1.71
CA ASP A 139 30.15 8.67 -1.92
C ASP A 139 30.11 9.72 -0.81
N ASP A 140 30.85 9.50 0.27
CA ASP A 140 30.84 10.37 1.47
C ASP A 140 31.43 11.74 1.12
N ALA A 141 32.39 11.77 0.18
CA ALA A 141 33.01 13.00 -0.36
C ALA A 141 31.94 13.83 -1.08
N ALA A 142 31.30 13.26 -2.10
CA ALA A 142 30.32 13.95 -2.96
C ALA A 142 28.98 14.18 -2.23
N GLY A 143 28.71 13.43 -1.15
CA GLY A 143 27.45 13.50 -0.39
C GLY A 143 26.29 12.85 -1.13
N THR A 144 26.60 11.95 -2.08
CA THR A 144 25.61 11.40 -3.06
C THR A 144 25.33 9.92 -2.76
N VAL A 145 24.09 9.51 -3.08
CA VAL A 145 23.68 8.08 -3.15
C VAL A 145 23.12 7.86 -4.56
N MET A 146 23.73 6.94 -5.29
CA MET A 146 23.38 6.72 -6.72
C MET A 146 22.66 5.39 -6.87
N ILE A 147 21.49 5.41 -7.49
CA ILE A 147 20.67 4.20 -7.72
C ILE A 147 20.54 4.00 -9.22
N THR A 148 20.93 2.83 -9.72
CA THR A 148 20.89 2.52 -11.16
C THR A 148 20.13 1.21 -11.33
N PRO A 149 18.81 1.27 -11.59
CA PRO A 149 18.03 0.05 -11.82
C PRO A 149 18.59 -0.74 -13.01
N GLU A 150 18.45 -2.07 -12.98
CA GLU A 150 19.05 -2.98 -14.01
C GLU A 150 18.35 -2.75 -15.37
N ALA A 151 17.17 -2.15 -15.39
CA ALA A 151 16.57 -1.53 -16.59
C ALA A 151 15.83 -0.27 -16.16
N PRO A 152 15.54 0.71 -17.06
CA PRO A 152 14.83 1.93 -16.64
C PRO A 152 13.53 1.65 -15.86
N TRP A 153 13.33 2.39 -14.78
CA TRP A 153 12.17 2.26 -13.86
C TRP A 153 11.72 3.64 -13.39
N ALA A 154 10.66 4.16 -14.00
CA ALA A 154 10.09 5.50 -13.73
C ALA A 154 9.62 5.59 -12.27
N ASP A 155 9.06 4.50 -11.75
CA ASP A 155 8.38 4.45 -10.41
C ASP A 155 9.36 4.57 -9.24
N LEU A 156 10.68 4.48 -9.49
CA LEU A 156 11.71 4.43 -8.42
C LEU A 156 11.60 5.64 -7.48
N LEU A 157 11.52 6.86 -8.02
CA LEU A 157 11.51 8.10 -7.19
C LEU A 157 10.32 8.05 -6.21
N ALA A 158 9.11 7.83 -6.74
CA ALA A 158 7.87 7.78 -5.93
C ALA A 158 7.95 6.62 -4.93
N ALA A 159 8.49 5.48 -5.33
CA ALA A 159 8.68 4.32 -4.43
C ALA A 159 9.50 4.72 -3.19
N LEU A 160 10.49 5.60 -3.34
CA LEU A 160 11.37 6.00 -2.21
C LEU A 160 10.68 7.02 -1.29
N SER A 161 9.40 7.34 -1.51
CA SER A 161 8.56 8.13 -0.55
C SER A 161 7.87 7.19 0.46
N VAL A 162 7.86 5.90 0.15
CA VAL A 162 7.04 4.91 0.89
C VAL A 162 7.77 4.50 2.18
N ALA A 163 7.06 4.46 3.31
CA ALA A 163 7.59 4.22 4.68
C ALA A 163 8.52 3.00 4.74
N SER A 164 8.21 1.94 3.99
CA SER A 164 9.01 0.68 3.96
C SER A 164 10.44 0.90 3.43
N THR A 165 10.69 2.00 2.71
CA THR A 165 12.07 2.38 2.24
C THR A 165 12.74 3.32 3.25
N GLY A 166 12.09 3.57 4.38
CA GLY A 166 12.65 4.36 5.50
C GLY A 166 14.02 3.86 5.91
N ILE A 167 14.91 4.78 6.28
CA ILE A 167 16.36 4.45 6.47
C ILE A 167 16.57 3.78 7.81
N VAL A 168 17.16 2.58 7.74
CA VAL A 168 17.57 1.79 8.94
C VAL A 168 19.05 2.06 9.20
N CYS A 169 19.35 2.60 10.38
CA CYS A 169 20.72 2.91 10.83
C CYS A 169 21.47 1.61 11.16
N PRO A 170 22.81 1.65 11.31
CA PRO A 170 23.60 0.42 11.40
C PRO A 170 23.18 -0.55 12.52
N ALA A 171 22.70 -0.01 13.63
CA ALA A 171 22.27 -0.83 14.79
C ALA A 171 21.08 -1.72 14.40
N GLY A 172 20.25 -1.27 13.45
CA GLY A 172 19.11 -2.06 12.93
C GLY A 172 19.57 -3.16 11.99
N LEU A 173 20.53 -2.89 11.11
CA LEU A 173 21.07 -3.88 10.13
C LEU A 173 21.73 -5.05 10.87
N ALA A 174 22.26 -4.83 12.09
CA ALA A 174 22.89 -5.86 12.96
C ALA A 174 21.84 -6.86 13.49
N ASN A 175 20.56 -6.48 13.52
CA ASN A 175 19.48 -7.31 14.10
C ASN A 175 18.17 -7.14 13.32
N LEU A 176 17.99 -7.85 12.21
CA LEU A 176 16.78 -7.77 11.36
C LEU A 176 15.58 -8.47 12.02
N ASP A 177 15.80 -9.58 12.74
CA ASP A 177 14.72 -10.30 13.48
C ASP A 177 14.18 -9.37 14.58
N GLY A 178 15.04 -8.52 15.14
CA GLY A 178 14.66 -7.57 16.21
C GLY A 178 13.73 -6.48 15.69
N LEU A 179 14.02 -5.96 14.49
CA LEU A 179 13.22 -4.89 13.83
C LEU A 179 11.76 -5.33 13.69
N ASN A 180 11.51 -6.62 13.49
CA ASN A 180 10.14 -7.17 13.30
C ASN A 180 9.22 -6.91 14.49
N THR A 181 9.76 -6.97 15.71
CA THR A 181 8.92 -7.00 16.94
C THR A 181 8.99 -5.67 17.69
N GLY A 182 9.88 -4.75 17.30
CA GLY A 182 9.90 -3.41 17.91
C GLY A 182 11.24 -2.73 17.74
N SER A 183 11.64 -1.95 18.75
CA SER A 183 12.79 -1.01 18.64
C SER A 183 14.11 -1.74 18.95
N VAL A 184 15.08 -1.60 18.06
CA VAL A 184 16.49 -2.00 18.29
C VAL A 184 17.31 -0.72 18.44
N GLU A 185 17.82 -0.47 19.65
CA GLU A 185 18.43 0.80 20.09
C GLU A 185 19.34 1.38 19.00
N GLY A 186 19.00 2.58 18.52
CA GLY A 186 19.82 3.33 17.55
C GLY A 186 19.46 3.08 16.09
N ALA A 187 18.51 2.19 15.78
CA ALA A 187 18.12 1.86 14.39
C ALA A 187 17.34 3.02 13.74
N GLU A 188 16.58 3.75 14.53
CA GLU A 188 15.63 4.80 14.06
C GLU A 188 16.40 5.93 13.37
N SER A 189 16.05 6.23 12.12
CA SER A 189 16.42 7.47 11.40
C SER A 189 15.34 8.54 11.58
N GLY A 190 14.16 8.13 12.03
CA GLY A 190 12.96 8.98 12.02
C GLY A 190 12.74 9.75 13.32
N PRO A 191 11.64 10.53 13.39
CA PRO A 191 11.33 11.38 14.55
C PRO A 191 10.94 10.67 15.86
N TYR A 192 10.46 9.42 15.80
CA TYR A 192 9.96 8.74 17.03
C TYR A 192 10.74 7.44 17.28
N VAL A 193 10.72 7.03 18.55
CA VAL A 193 11.25 5.73 19.04
C VAL A 193 10.06 5.03 19.70
N LEU A 194 9.85 3.76 19.37
CA LEU A 194 8.83 2.91 20.05
C LEU A 194 9.34 2.57 21.46
N SER A 195 8.70 3.11 22.48
CA SER A 195 9.19 3.10 23.89
C SER A 195 8.55 1.97 24.67
N GLU A 196 7.24 1.81 24.54
CA GLU A 196 6.48 0.67 25.12
C GLU A 196 5.85 -0.11 23.98
N VAL A 197 5.81 -1.43 24.12
CA VAL A 197 5.03 -2.31 23.21
C VAL A 197 4.18 -3.25 24.05
N GLU A 198 2.89 -3.28 23.76
CA GLU A 198 1.99 -4.39 24.15
C GLU A 198 1.53 -5.06 22.86
N PRO A 199 2.08 -6.25 22.52
CA PRO A 199 1.79 -6.89 21.24
C PRO A 199 0.30 -7.02 20.93
N GLY A 200 -0.11 -6.58 19.73
CA GLY A 200 -1.50 -6.61 19.25
C GLY A 200 -2.45 -5.69 20.02
N VAL A 201 -1.93 -4.69 20.75
CA VAL A 201 -2.77 -3.85 21.66
C VAL A 201 -2.39 -2.36 21.55
N ARG A 202 -1.15 -2.02 21.82
CA ARG A 202 -0.72 -0.61 21.86
C ARG A 202 0.77 -0.48 21.60
N TYR A 203 1.11 0.48 20.76
CA TYR A 203 2.50 0.82 20.35
C TYR A 203 2.70 2.28 20.67
N THR A 204 3.45 2.54 21.74
CA THR A 204 3.64 3.89 22.32
C THR A 204 4.94 4.46 21.77
N TYR A 205 4.82 5.55 21.02
CA TYR A 205 5.93 6.21 20.33
C TYR A 205 6.24 7.51 21.05
N GLU A 206 7.53 7.83 21.20
CA GLU A 206 7.95 9.05 21.93
C GLU A 206 8.84 9.87 21.00
N LEU A 207 8.60 11.17 20.94
CA LEU A 207 9.37 12.11 20.09
C LEU A 207 10.80 12.21 20.66
N ARG A 208 11.79 12.05 19.78
CA ARG A 208 13.25 12.22 20.02
C ARG A 208 13.63 13.71 20.04
N ASP A 209 14.32 14.16 21.10
CA ASP A 209 14.76 15.56 21.35
C ASP A 209 15.88 15.97 20.41
N ASP A 210 16.54 15.02 19.76
CA ASP A 210 17.74 15.32 18.95
C ASP A 210 17.42 15.32 17.45
N TYR A 211 16.16 15.62 17.10
CA TYR A 211 15.66 15.49 15.70
C TYR A 211 15.08 16.83 15.27
N ASP A 212 15.74 17.47 14.31
CA ASP A 212 15.14 18.49 13.42
C ASP A 212 15.67 18.19 12.02
N SER A 213 15.11 17.13 11.44
CA SER A 213 15.42 16.68 10.06
C SER A 213 14.08 16.45 9.35
N TRP A 214 13.14 17.36 9.60
CA TRP A 214 11.78 17.31 9.00
C TRP A 214 11.89 17.51 7.49
N PRO A 215 10.97 16.93 6.69
CA PRO A 215 11.00 17.12 5.25
C PRO A 215 10.70 18.58 4.86
N GLU A 216 11.09 18.96 3.63
CA GLU A 216 10.91 20.32 3.08
C GLU A 216 9.48 20.45 2.53
N TRP A 217 8.47 20.49 3.41
CA TRP A 217 7.05 20.57 2.98
C TRP A 217 6.75 21.96 2.42
N GLU A 218 6.07 21.99 1.27
CA GLU A 218 5.55 23.22 0.64
C GLU A 218 4.27 23.63 1.35
N THR A 219 3.46 22.64 1.75
CA THR A 219 2.22 22.85 2.55
C THR A 219 2.60 23.23 3.98
N THR A 220 1.80 24.13 4.55
CA THR A 220 1.89 24.66 5.93
C THR A 220 0.87 23.94 6.78
N LEU A 221 1.29 23.21 7.82
CA LEU A 221 0.33 22.52 8.71
C LEU A 221 0.13 23.32 9.99
N GLU A 222 -1.13 23.38 10.42
CA GLU A 222 -1.61 24.11 11.62
C GLU A 222 -1.57 23.15 12.81
N GLY A 223 -0.75 23.46 13.82
CA GLY A 223 -0.73 22.75 15.10
C GLY A 223 0.65 22.21 15.41
N GLU A 224 0.77 21.41 16.46
CA GLU A 224 2.10 20.94 16.94
C GLU A 224 2.29 19.43 16.78
N ILE A 225 3.50 19.06 16.35
CA ILE A 225 4.00 17.66 16.28
C ILE A 225 3.76 17.03 17.66
N PRO A 226 3.02 15.89 17.76
CA PRO A 226 2.79 15.26 19.04
C PRO A 226 4.08 14.66 19.62
N LYS A 227 4.26 14.78 20.94
CA LYS A 227 5.45 14.22 21.64
C LYS A 227 5.30 12.72 21.81
N THR A 228 4.11 12.27 22.20
CA THR A 228 3.74 10.84 22.27
C THR A 228 2.66 10.53 21.22
N ILE A 229 2.79 9.38 20.56
CA ILE A 229 1.73 8.77 19.71
C ILE A 229 1.44 7.38 20.25
N GLU A 230 0.20 7.16 20.70
CA GLU A 230 -0.27 5.84 21.15
C GLU A 230 -1.04 5.17 20.01
N TYR A 231 -0.34 4.44 19.15
CA TYR A 231 -0.98 3.63 18.08
C TYR A 231 -1.66 2.43 18.76
N THR A 232 -2.99 2.44 18.74
CA THR A 232 -3.87 1.58 19.57
C THR A 232 -4.70 0.68 18.66
N VAL A 233 -4.54 -0.64 18.83
CA VAL A 233 -5.23 -1.64 17.98
C VAL A 233 -6.72 -1.58 18.30
N VAL A 234 -7.53 -1.33 17.28
CA VAL A 234 -9.01 -1.48 17.36
C VAL A 234 -9.38 -2.74 16.58
N LYS A 235 -10.21 -3.59 17.17
CA LYS A 235 -10.48 -4.93 16.60
C LYS A 235 -11.49 -4.82 15.46
N ASP A 236 -12.15 -3.67 15.36
CA ASP A 236 -13.47 -3.54 14.71
C ASP A 236 -13.73 -2.06 14.34
N PRO A 237 -14.52 -1.70 13.28
CA PRO A 237 -15.00 -0.33 13.10
C PRO A 237 -16.02 0.22 14.11
N SER A 238 -16.96 -0.59 14.60
CA SER A 238 -17.89 -0.16 15.69
C SER A 238 -17.08 0.21 16.94
N ALA A 239 -16.06 -0.59 17.27
CA ALA A 239 -15.18 -0.36 18.45
C ALA A 239 -14.39 0.94 18.25
N SER A 240 -13.88 1.17 17.04
CA SER A 240 -13.21 2.43 16.64
C SER A 240 -14.10 3.62 17.02
N ALA A 241 -15.32 3.66 16.48
CA ALA A 241 -16.28 4.78 16.65
C ALA A 241 -16.56 5.01 18.13
N ASN A 242 -17.03 3.97 18.84
CA ASN A 242 -17.31 4.00 20.30
C ASN A 242 -16.16 4.68 21.05
N GLN A 243 -14.92 4.33 20.72
CA GLN A 243 -13.74 4.80 21.47
C GLN A 243 -13.34 6.23 21.09
N ILE A 244 -13.75 6.73 19.92
CA ILE A 244 -13.67 8.20 19.65
C ILE A 244 -14.70 8.88 20.53
N LEU A 245 -15.93 8.37 20.50
CA LEU A 245 -17.11 8.99 21.17
C LEU A 245 -16.92 9.01 22.70
N SER A 246 -16.31 7.98 23.28
CA SER A 246 -16.10 7.88 24.76
C SER A 246 -14.73 8.44 25.20
N GLY A 247 -13.91 8.94 24.27
CA GLY A 247 -12.61 9.56 24.60
C GLY A 247 -11.54 8.55 25.01
N GLN A 248 -11.65 7.29 24.61
CA GLN A 248 -10.54 6.29 24.73
C GLN A 248 -9.58 6.46 23.54
N LEU A 249 -10.08 7.05 22.45
CA LEU A 249 -9.28 7.39 21.24
C LEU A 249 -9.48 8.86 20.85
N ASP A 250 -8.43 9.45 20.30
CA ASP A 250 -8.43 10.85 19.80
C ASP A 250 -8.69 10.87 18.29
N LEU A 251 -8.10 9.94 17.55
CA LEU A 251 -8.36 9.72 16.11
C LEU A 251 -8.56 8.22 15.86
N GLY A 252 -9.34 7.90 14.85
CA GLY A 252 -9.57 6.49 14.48
C GLY A 252 -10.42 6.37 13.25
N ARG A 253 -10.25 5.27 12.53
CA ARG A 253 -10.97 5.05 11.26
C ARG A 253 -12.39 4.66 11.57
N ILE A 254 -13.31 5.19 10.77
CA ILE A 254 -14.77 4.99 10.86
C ILE A 254 -15.25 4.32 9.57
N MET A 255 -16.15 3.35 9.71
CA MET A 255 -16.91 2.75 8.57
C MET A 255 -17.94 3.80 8.13
N PRO A 256 -18.31 3.85 6.83
CA PRO A 256 -19.34 4.79 6.35
C PRO A 256 -20.67 4.83 7.12
N ASP A 257 -21.10 3.71 7.70
CA ASP A 257 -22.38 3.66 8.47
C ASP A 257 -22.29 4.47 9.75
N SER A 258 -21.09 4.66 10.30
CA SER A 258 -20.86 5.40 11.57
C SER A 258 -20.80 6.93 11.37
N ARG A 259 -20.67 7.41 10.13
CA ARG A 259 -20.61 8.87 9.78
C ARG A 259 -21.61 9.71 10.58
N SER A 260 -22.88 9.30 10.62
CA SER A 260 -24.02 10.08 11.16
C SER A 260 -23.91 10.28 12.67
N ARG A 261 -23.04 9.50 13.34
CA ARG A 261 -22.81 9.60 14.81
C ARG A 261 -21.96 10.85 15.11
N PHE A 262 -21.32 11.45 14.09
CA PHE A 262 -20.34 12.54 14.26
C PHE A 262 -20.79 13.79 13.49
N SER A 263 -20.37 14.96 13.97
CA SER A 263 -20.53 16.23 13.24
C SER A 263 -19.55 16.22 12.07
N ASP A 264 -19.86 16.97 11.02
CA ASP A 264 -19.05 17.04 9.78
C ASP A 264 -17.61 17.42 10.13
N SER A 265 -17.44 18.28 11.13
CA SER A 265 -16.13 18.84 11.55
C SER A 265 -15.22 17.75 12.15
N GLN A 266 -15.80 16.70 12.71
CA GLN A 266 -15.02 15.58 13.31
C GLN A 266 -14.53 14.60 12.24
N LEU A 267 -14.85 14.80 10.95
CA LEU A 267 -14.55 13.80 9.90
C LEU A 267 -13.53 14.35 8.91
N VAL A 268 -12.51 13.54 8.61
CA VAL A 268 -11.54 13.83 7.53
C VAL A 268 -11.53 12.63 6.60
N SER A 269 -12.02 12.86 5.39
CA SER A 269 -12.21 11.83 4.36
C SER A 269 -11.12 12.01 3.28
N ASN A 270 -10.38 10.95 2.95
CA ASN A 270 -9.40 10.96 1.84
C ASN A 270 -9.61 9.76 0.93
N PRO A 271 -9.36 9.90 -0.39
CA PRO A 271 -9.35 8.75 -1.29
C PRO A 271 -8.15 7.88 -0.90
N PHE A 272 -8.30 6.57 -0.98
CA PHE A 272 -7.32 5.66 -0.35
C PHE A 272 -7.01 4.47 -1.25
N GLY A 273 -7.29 3.25 -0.79
CA GLY A 273 -7.01 2.03 -1.57
C GLY A 273 -7.81 1.98 -2.87
N ASN A 274 -7.24 1.34 -3.89
CA ASN A 274 -7.94 1.01 -5.16
C ASN A 274 -8.10 -0.52 -5.16
N PHE A 275 -9.32 -0.98 -5.39
CA PHE A 275 -9.67 -2.40 -5.22
C PHE A 275 -9.85 -3.07 -6.58
N TYR A 276 -9.37 -4.31 -6.68
CA TYR A 276 -9.51 -5.13 -7.90
C TYR A 276 -9.35 -6.60 -7.53
N LEU A 277 -9.92 -7.45 -8.34
CA LEU A 277 -9.84 -8.90 -8.10
C LEU A 277 -8.44 -9.42 -8.42
N VAL A 278 -8.01 -10.38 -7.61
CA VAL A 278 -6.80 -11.19 -7.89
C VAL A 278 -7.17 -12.66 -7.83
N PHE A 279 -6.89 -13.42 -8.90
CA PHE A 279 -7.16 -14.87 -8.94
C PHE A 279 -5.86 -15.65 -8.83
N ASN A 280 -5.95 -16.84 -8.24
CA ASN A 280 -4.86 -17.85 -8.26
C ASN A 280 -4.98 -18.55 -9.61
N GLU A 281 -4.09 -18.23 -10.55
CA GLU A 281 -4.23 -18.68 -11.95
C GLU A 281 -3.25 -19.81 -12.26
N ARG A 282 -2.64 -20.38 -11.21
CA ARG A 282 -1.57 -21.37 -11.38
C ARG A 282 -2.15 -22.70 -11.84
N GLU A 283 -1.35 -23.47 -12.57
CA GLU A 283 -1.79 -24.76 -13.16
C GLU A 283 -2.40 -25.64 -12.05
N GLY A 284 -3.59 -26.18 -12.30
CA GLY A 284 -4.29 -27.07 -11.36
C GLY A 284 -5.30 -26.35 -10.48
N ALA A 285 -5.15 -25.04 -10.25
CA ALA A 285 -6.14 -24.21 -9.51
C ALA A 285 -7.38 -23.96 -10.38
N VAL A 286 -8.54 -23.72 -9.76
CA VAL A 286 -9.83 -23.59 -10.49
C VAL A 286 -9.82 -22.37 -11.43
N PHE A 287 -9.08 -21.32 -11.10
CA PHE A 287 -9.09 -20.07 -11.91
C PHE A 287 -7.89 -20.03 -12.86
N ALA A 288 -7.18 -21.15 -13.03
CA ALA A 288 -6.30 -21.37 -14.19
C ALA A 288 -7.15 -21.28 -15.46
N ASP A 289 -8.38 -21.80 -15.38
CA ASP A 289 -9.33 -21.81 -16.50
C ASP A 289 -10.01 -20.44 -16.62
N GLU A 290 -9.79 -19.76 -17.74
CA GLU A 290 -10.34 -18.40 -18.01
C GLU A 290 -11.87 -18.41 -17.92
N LYS A 291 -12.53 -19.49 -18.36
CA LYS A 291 -14.01 -19.59 -18.35
C LYS A 291 -14.53 -19.42 -16.91
N ASN A 292 -13.79 -19.91 -15.90
CA ASN A 292 -14.17 -19.76 -14.47
C ASN A 292 -13.99 -18.30 -14.02
N ARG A 293 -12.92 -17.63 -14.43
CA ARG A 293 -12.67 -16.21 -14.08
C ARG A 293 -13.75 -15.32 -14.68
N GLU A 294 -14.12 -15.56 -15.94
CA GLU A 294 -15.21 -14.81 -16.63
C GLU A 294 -16.52 -14.96 -15.82
N ALA A 295 -16.83 -16.17 -15.36
CA ALA A 295 -18.05 -16.45 -14.57
C ALA A 295 -18.07 -15.61 -13.28
N VAL A 296 -16.92 -15.42 -12.63
CA VAL A 296 -16.84 -14.53 -11.44
C VAL A 296 -17.17 -13.09 -11.86
N ALA A 297 -16.61 -12.62 -12.97
CA ALA A 297 -16.92 -11.28 -13.52
C ALA A 297 -18.41 -11.14 -13.81
N GLN A 298 -19.04 -12.19 -14.32
CA GLN A 298 -20.49 -12.20 -14.66
C GLN A 298 -21.40 -12.17 -13.43
N VAL A 299 -20.84 -12.30 -12.24
CA VAL A 299 -21.64 -12.46 -10.98
C VAL A 299 -21.44 -11.21 -10.11
N LEU A 300 -20.40 -10.43 -10.37
CA LEU A 300 -19.99 -9.35 -9.46
C LEU A 300 -20.60 -8.03 -9.95
N ASP A 301 -21.74 -7.66 -9.36
CA ASP A 301 -22.42 -6.38 -9.64
C ASP A 301 -21.58 -5.26 -8.99
N ARG A 302 -20.97 -4.41 -9.81
CA ARG A 302 -20.01 -3.39 -9.32
C ARG A 302 -20.74 -2.33 -8.50
N ASP A 303 -22.00 -2.01 -8.83
CA ASP A 303 -22.80 -1.06 -8.01
C ASP A 303 -23.12 -1.68 -6.65
N ALA A 304 -23.61 -2.92 -6.64
CA ALA A 304 -23.95 -3.64 -5.40
C ALA A 304 -22.69 -3.79 -4.55
N PHE A 305 -21.58 -4.13 -5.18
CA PHE A 305 -20.28 -4.24 -4.47
C PHE A 305 -19.90 -2.87 -3.89
N ASP A 306 -20.08 -1.79 -4.63
CA ASP A 306 -19.79 -0.43 -4.07
C ASP A 306 -20.76 -0.11 -2.92
N GLN A 307 -22.05 -0.45 -3.05
CA GLN A 307 -23.03 -0.14 -1.97
C GLN A 307 -22.61 -0.85 -0.68
N THR A 308 -22.30 -2.14 -0.74
CA THR A 308 -21.93 -2.94 0.46
C THR A 308 -20.59 -2.47 1.03
N THR A 309 -19.65 -2.07 0.18
CA THR A 309 -18.24 -1.79 0.57
C THR A 309 -18.08 -0.35 1.09
N THR A 310 -18.58 0.64 0.34
CA THR A 310 -18.35 2.10 0.62
C THR A 310 -19.64 2.88 0.93
N ASP A 311 -20.82 2.32 0.61
CA ASP A 311 -22.14 3.01 0.71
C ASP A 311 -22.12 4.36 -0.04
N GLY A 312 -21.40 4.43 -1.16
CA GLY A 312 -21.35 5.64 -2.01
C GLY A 312 -20.36 6.69 -1.54
N THR A 313 -19.51 6.39 -0.56
CA THR A 313 -18.36 7.27 -0.17
C THR A 313 -17.19 7.05 -1.11
N GLY A 314 -17.15 5.92 -1.81
CA GLY A 314 -16.09 5.62 -2.80
C GLY A 314 -16.52 5.95 -4.22
N GLU A 315 -15.66 5.59 -5.18
CA GLU A 315 -15.91 5.84 -6.62
C GLU A 315 -15.48 4.63 -7.43
N LEU A 316 -16.32 4.24 -8.37
CA LEU A 316 -15.99 3.12 -9.28
C LEU A 316 -14.76 3.52 -10.10
N THR A 317 -13.99 2.53 -10.51
CA THR A 317 -12.84 2.71 -11.43
C THR A 317 -12.72 1.48 -12.31
N ASP A 318 -12.42 1.68 -13.58
CA ASP A 318 -12.16 0.59 -14.55
C ASP A 318 -10.67 0.31 -14.66
N THR A 319 -9.83 0.90 -13.82
CA THR A 319 -8.35 0.77 -13.92
C THR A 319 -7.73 0.66 -12.53
N PHE A 320 -6.41 0.60 -12.47
CA PHE A 320 -5.67 0.44 -11.20
C PHE A 320 -5.38 1.78 -10.54
N GLY A 321 -6.42 2.54 -10.22
CA GLY A 321 -6.28 3.84 -9.58
C GLY A 321 -7.50 4.70 -9.78
N SER A 322 -7.37 5.97 -9.42
CA SER A 322 -8.43 6.99 -9.58
C SER A 322 -8.11 7.84 -10.81
N LYS A 323 -8.90 8.89 -11.04
CA LYS A 323 -8.62 9.88 -12.11
C LYS A 323 -7.32 10.65 -11.82
N ALA A 324 -6.89 10.71 -10.55
CA ALA A 324 -5.63 11.35 -10.11
C ALA A 324 -4.41 10.47 -10.41
N THR A 325 -4.62 9.24 -10.82
CA THR A 325 -3.53 8.29 -11.14
C THR A 325 -3.00 8.60 -12.54
N GLN A 326 -1.70 8.71 -12.67
CA GLN A 326 -1.03 8.92 -13.98
C GLN A 326 -1.51 7.83 -14.95
N CYS A 327 -1.96 8.26 -16.14
CA CYS A 327 -2.38 7.42 -17.29
C CYS A 327 -3.79 6.83 -17.11
N ALA A 328 -4.49 7.16 -16.02
CA ALA A 328 -5.77 6.49 -15.69
C ALA A 328 -6.91 7.00 -16.60
N THR A 329 -6.72 8.10 -17.32
CA THR A 329 -7.74 8.61 -18.29
C THR A 329 -7.28 8.45 -19.76
N ALA A 330 -6.08 7.95 -20.03
CA ALA A 330 -5.62 7.76 -21.41
C ALA A 330 -6.30 6.55 -22.04
N ALA A 331 -6.41 6.61 -23.37
CA ALA A 331 -7.03 5.56 -24.21
C ALA A 331 -6.15 4.33 -24.17
N PRO A 332 -6.68 3.09 -24.26
CA PRO A 332 -8.11 2.77 -24.24
C PRO A 332 -8.68 2.58 -22.83
N ARG A 333 -10.00 2.72 -22.70
CA ARG A 333 -10.77 2.33 -21.49
C ARG A 333 -11.01 0.82 -21.57
N PRO A 334 -10.93 0.05 -20.46
CA PRO A 334 -11.25 -1.38 -20.54
C PRO A 334 -12.71 -1.65 -20.87
N ALA A 335 -12.96 -2.78 -21.52
CA ALA A 335 -14.31 -3.32 -21.82
C ALA A 335 -14.67 -4.33 -20.74
N LEU A 336 -15.47 -3.90 -19.76
CA LEU A 336 -15.84 -4.78 -18.63
C LEU A 336 -16.87 -5.82 -19.08
N THR A 337 -16.69 -7.04 -18.62
CA THR A 337 -17.68 -8.13 -18.75
C THR A 337 -19.01 -7.73 -18.10
N ALA A 338 -20.09 -7.84 -18.86
CA ALA A 338 -21.45 -7.54 -18.37
C ALA A 338 -21.90 -8.61 -17.37
N LEU A 339 -22.86 -8.24 -16.52
CA LEU A 339 -23.50 -9.19 -15.59
C LEU A 339 -24.21 -10.27 -16.39
N ASP A 340 -23.97 -11.54 -16.05
CA ASP A 340 -24.70 -12.68 -16.70
C ASP A 340 -24.80 -13.82 -15.69
N GLU A 341 -25.76 -13.69 -14.77
CA GLU A 341 -25.93 -14.62 -13.63
C GLU A 341 -26.34 -16.02 -14.11
N SER A 342 -27.12 -16.14 -15.19
CA SER A 342 -27.56 -17.43 -15.80
C SER A 342 -26.36 -18.21 -16.33
N ALA A 343 -25.54 -17.58 -17.17
CA ALA A 343 -24.32 -18.17 -17.74
C ALA A 343 -23.36 -18.56 -16.62
N ALA A 344 -23.22 -17.72 -15.59
CA ALA A 344 -22.30 -17.98 -14.45
C ALA A 344 -22.77 -19.19 -13.62
N ALA A 345 -24.08 -19.36 -13.45
CA ALA A 345 -24.67 -20.51 -12.71
C ALA A 345 -24.32 -21.83 -13.40
N GLU A 346 -24.36 -21.88 -14.72
CA GLU A 346 -23.98 -23.09 -15.50
C GLU A 346 -22.50 -23.38 -15.30
N THR A 347 -21.67 -22.35 -15.33
CA THR A 347 -20.19 -22.47 -15.27
C THR A 347 -19.71 -22.86 -13.85
N LEU A 348 -20.24 -22.23 -12.81
CA LEU A 348 -19.67 -22.39 -11.43
C LEU A 348 -20.40 -23.44 -10.59
N ALA A 349 -21.38 -24.16 -11.14
CA ALA A 349 -22.10 -25.26 -10.45
C ALA A 349 -21.09 -26.21 -9.79
N GLY A 350 -21.07 -26.23 -8.45
CA GLY A 350 -20.21 -27.08 -7.62
C GLY A 350 -18.71 -26.78 -7.72
N VAL A 351 -18.31 -25.66 -8.33
CA VAL A 351 -16.86 -25.31 -8.41
C VAL A 351 -16.42 -24.87 -7.01
N LYS A 352 -15.31 -25.42 -6.53
CA LYS A 352 -14.77 -25.11 -5.18
C LYS A 352 -13.93 -23.85 -5.27
N ILE A 353 -14.23 -22.87 -4.43
CA ILE A 353 -13.49 -21.57 -4.41
C ILE A 353 -13.07 -21.29 -2.98
N ARG A 354 -11.77 -21.15 -2.75
CA ARG A 354 -11.20 -20.61 -1.49
C ARG A 354 -11.15 -19.10 -1.65
N LEU A 355 -12.11 -18.40 -1.05
CA LEU A 355 -12.22 -16.92 -1.10
C LEU A 355 -11.53 -16.34 0.13
N LEU A 356 -10.45 -15.61 -0.09
CA LEU A 356 -9.72 -14.89 0.98
C LEU A 356 -10.17 -13.42 0.97
N GLY A 357 -10.48 -12.91 2.15
CA GLY A 357 -11.01 -11.55 2.31
C GLY A 357 -10.24 -10.75 3.34
N ALA A 358 -9.90 -9.51 3.00
CA ALA A 358 -9.33 -8.53 3.95
C ALA A 358 -10.47 -7.77 4.62
N GLN A 359 -10.41 -7.59 5.93
CA GLN A 359 -11.49 -6.92 6.71
C GLN A 359 -11.56 -5.41 6.42
N VAL A 360 -10.65 -4.85 5.61
CA VAL A 360 -10.78 -3.42 5.18
C VAL A 360 -11.75 -3.30 4.00
N VAL A 361 -12.11 -4.39 3.35
CA VAL A 361 -13.01 -4.33 2.16
C VAL A 361 -14.46 -4.25 2.64
N GLY A 362 -14.89 -3.03 2.96
CA GLY A 362 -16.12 -2.76 3.71
C GLY A 362 -15.92 -3.01 5.20
N ALA A 363 -16.87 -2.58 6.01
CA ALA A 363 -16.86 -2.78 7.47
C ALA A 363 -16.81 -4.27 7.75
N ALA A 364 -15.78 -4.70 8.48
CA ALA A 364 -15.54 -6.13 8.82
C ALA A 364 -15.58 -7.01 7.56
N GLY A 365 -15.11 -6.52 6.42
CA GLY A 365 -15.00 -7.33 5.18
C GLY A 365 -16.35 -7.60 4.52
N ALA A 366 -17.29 -6.66 4.60
CA ALA A 366 -18.66 -6.82 4.06
C ALA A 366 -18.64 -7.02 2.55
N GLY A 367 -17.70 -6.39 1.85
CA GLY A 367 -17.56 -6.59 0.39
C GLY A 367 -17.23 -8.03 0.04
N ASN A 368 -16.41 -8.69 0.86
CA ASN A 368 -16.02 -10.10 0.64
C ASN A 368 -17.26 -10.96 0.86
N THR A 369 -18.04 -10.63 1.89
CA THR A 369 -19.34 -11.29 2.18
C THR A 369 -20.28 -11.17 0.99
N TYR A 370 -20.42 -9.98 0.40
CA TYR A 370 -21.24 -9.79 -0.83
C TYR A 370 -20.74 -10.74 -1.95
N LEU A 371 -19.42 -10.81 -2.15
CA LEU A 371 -18.86 -11.59 -3.28
C LEU A 371 -19.11 -13.09 -3.06
N GLU A 372 -18.88 -13.58 -1.84
CA GLU A 372 -19.16 -15.00 -1.46
C GLU A 372 -20.62 -15.33 -1.82
N ALA A 373 -21.54 -14.46 -1.43
CA ALA A 373 -23.00 -14.64 -1.62
C ALA A 373 -23.35 -14.67 -3.11
N ALA A 374 -22.73 -13.81 -3.91
CA ALA A 374 -22.97 -13.79 -5.37
C ALA A 374 -22.46 -15.09 -6.01
N LEU A 375 -21.34 -15.64 -5.50
CA LEU A 375 -20.74 -16.91 -6.01
C LEU A 375 -21.59 -18.12 -5.55
N ARG A 376 -22.06 -18.10 -4.30
CA ARG A 376 -22.92 -19.17 -3.74
C ARG A 376 -24.22 -19.23 -4.54
N GLU A 377 -24.82 -18.08 -4.80
CA GLU A 377 -26.05 -17.93 -5.63
C GLU A 377 -25.82 -18.53 -7.02
N ALA A 378 -24.59 -18.55 -7.53
CA ALA A 378 -24.25 -19.18 -8.83
C ALA A 378 -23.91 -20.66 -8.67
N GLY A 379 -24.23 -21.26 -7.51
CA GLY A 379 -24.06 -22.71 -7.26
C GLY A 379 -22.62 -23.11 -6.96
N ALA A 380 -21.74 -22.17 -6.63
CA ALA A 380 -20.33 -22.48 -6.29
C ALA A 380 -20.23 -22.94 -4.83
N ASP A 381 -19.28 -23.84 -4.58
CA ASP A 381 -18.94 -24.34 -3.22
C ASP A 381 -17.86 -23.41 -2.66
N VAL A 382 -18.29 -22.34 -2.00
CA VAL A 382 -17.40 -21.21 -1.59
C VAL A 382 -17.11 -21.32 -0.11
N THR A 383 -15.83 -21.21 0.25
CA THR A 383 -15.39 -20.98 1.64
C THR A 383 -14.71 -19.61 1.74
N LEU A 384 -15.28 -18.73 2.55
CA LEU A 384 -14.76 -17.38 2.82
C LEU A 384 -13.98 -17.39 4.14
N GLU A 385 -12.71 -16.97 4.08
CA GLU A 385 -11.93 -16.53 5.26
C GLU A 385 -11.77 -15.01 5.23
N ASN A 386 -12.47 -14.34 6.13
CA ASN A 386 -12.43 -12.87 6.28
C ASN A 386 -11.48 -12.60 7.44
N VAL A 387 -10.28 -12.09 7.14
CA VAL A 387 -9.20 -11.93 8.15
C VAL A 387 -8.75 -10.46 8.19
N ASP A 388 -8.03 -10.11 9.25
CA ASP A 388 -7.52 -8.72 9.41
C ASP A 388 -6.42 -8.48 8.36
N ILE A 389 -6.17 -7.22 8.07
CA ILE A 389 -5.30 -6.80 6.94
C ILE A 389 -3.89 -7.41 7.08
N GLY A 390 -3.36 -7.54 8.31
CA GLY A 390 -2.05 -8.17 8.58
C GLY A 390 -2.01 -9.63 8.16
N THR A 391 -2.99 -10.41 8.59
CA THR A 391 -3.08 -11.85 8.26
C THR A 391 -3.26 -11.99 6.75
N TRP A 392 -4.12 -11.14 6.17
CA TRP A 392 -4.44 -11.19 4.72
C TRP A 392 -3.14 -11.03 3.94
N ALA A 393 -2.33 -10.04 4.31
CA ALA A 393 -1.09 -9.70 3.58
C ALA A 393 -0.09 -10.86 3.67
N GLY A 394 0.10 -11.44 4.86
CA GLY A 394 0.92 -12.65 5.07
C GLY A 394 0.47 -13.78 4.17
N ARG A 395 -0.84 -14.00 4.05
CA ARG A 395 -1.40 -15.05 3.17
C ARG A 395 -1.09 -14.74 1.70
N VAL A 396 -1.40 -13.52 1.22
CA VAL A 396 -1.28 -13.18 -0.24
C VAL A 396 0.19 -13.24 -0.66
N PHE A 397 1.10 -12.66 0.12
CA PHE A 397 2.51 -12.50 -0.26
C PHE A 397 3.38 -13.69 0.20
N GLY A 398 2.95 -14.43 1.22
CA GLY A 398 3.71 -15.57 1.78
C GLY A 398 3.19 -16.94 1.34
N GLN A 399 1.88 -17.09 1.12
CA GLN A 399 1.23 -18.37 0.76
C GLN A 399 0.27 -18.18 -0.41
N PRO A 400 0.79 -17.82 -1.60
CA PRO A 400 -0.05 -17.52 -2.78
C PRO A 400 -0.95 -18.68 -3.24
N GLU A 401 -0.49 -19.92 -3.04
CA GLU A 401 -1.23 -21.15 -3.43
C GLU A 401 -2.31 -21.50 -2.40
N SER A 402 -2.49 -20.70 -1.34
CA SER A 402 -3.43 -21.03 -0.22
C SER A 402 -4.85 -20.50 -0.45
N TYR A 403 -5.14 -19.88 -1.57
CA TYR A 403 -6.50 -19.36 -1.88
C TYR A 403 -6.68 -19.31 -3.38
N ASP A 404 -7.92 -19.08 -3.81
CA ASP A 404 -8.30 -19.02 -5.25
C ASP A 404 -8.60 -17.59 -5.69
N LEU A 405 -9.26 -16.81 -4.83
CA LEU A 405 -9.75 -15.46 -5.19
C LEU A 405 -9.65 -14.55 -3.97
N THR A 406 -9.32 -13.29 -4.21
CA THR A 406 -9.36 -12.23 -3.16
C THR A 406 -9.74 -10.93 -3.83
N VAL A 407 -10.49 -10.09 -3.12
CA VAL A 407 -10.53 -8.64 -3.46
C VAL A 407 -9.26 -8.01 -2.90
N PHE A 408 -8.42 -7.54 -3.80
CA PHE A 408 -7.09 -6.97 -3.44
C PHE A 408 -7.23 -5.48 -3.14
N PRO A 409 -7.00 -5.03 -1.88
CA PRO A 409 -7.05 -3.61 -1.54
C PRO A 409 -5.64 -3.02 -1.69
N ASP A 410 -5.36 -2.53 -2.89
CA ASP A 410 -4.01 -2.03 -3.24
C ASP A 410 -3.84 -0.64 -2.62
N LEU A 411 -2.61 -0.33 -2.24
CA LEU A 411 -2.20 1.04 -1.90
C LEU A 411 -1.31 1.49 -3.04
N ASN A 412 -1.84 2.35 -3.92
CA ASN A 412 -1.10 2.83 -5.11
C ASN A 412 -0.15 3.95 -4.67
N PHE A 413 0.96 3.57 -4.06
CA PHE A 413 1.99 4.50 -3.55
C PHE A 413 2.61 5.32 -4.67
N THR A 414 2.91 4.70 -5.80
CA THR A 414 3.68 5.34 -6.90
C THR A 414 2.80 6.22 -7.80
N GLY A 415 1.47 6.14 -7.65
CA GLY A 415 0.54 7.05 -8.36
C GLY A 415 0.46 6.76 -9.84
N THR A 416 0.79 5.52 -10.24
CA THR A 416 0.83 5.09 -11.66
C THR A 416 0.05 3.78 -11.82
N LEU A 417 -0.22 3.39 -13.06
CA LEU A 417 -0.89 2.09 -13.34
C LEU A 417 0.10 0.92 -13.18
N THR A 418 1.40 1.19 -13.16
CA THR A 418 2.48 0.15 -13.08
C THR A 418 2.28 -0.77 -11.87
N SER A 419 1.98 -0.18 -10.71
CA SER A 419 1.77 -0.90 -9.43
C SER A 419 0.86 -2.10 -9.66
N GLY A 420 -0.36 -1.84 -10.17
CA GLY A 420 -1.41 -2.84 -10.42
C GLY A 420 -1.00 -3.82 -11.51
N ILE A 421 -0.46 -3.33 -12.63
CA ILE A 421 -0.07 -4.19 -13.77
C ILE A 421 0.94 -5.25 -13.28
N SER A 422 1.87 -4.87 -12.38
CA SER A 422 2.92 -5.79 -11.85
C SER A 422 2.33 -7.02 -11.14
N ARG A 423 1.15 -6.90 -10.54
CA ARG A 423 0.54 -8.02 -9.77
C ARG A 423 0.20 -9.18 -10.71
N PHE A 424 0.10 -8.91 -12.02
CA PHE A 424 -0.38 -9.88 -13.03
C PHE A 424 0.62 -10.16 -14.14
N THR A 425 1.84 -9.62 -14.08
CA THR A 425 2.82 -9.78 -15.18
C THR A 425 4.21 -10.12 -14.67
N GLY A 426 5.02 -10.71 -15.55
CA GLY A 426 6.41 -11.06 -15.25
C GLY A 426 6.45 -12.34 -14.42
N PRO A 427 7.61 -12.67 -13.80
CA PRO A 427 7.74 -13.94 -13.10
C PRO A 427 6.84 -13.99 -11.86
N ASP A 428 6.35 -15.20 -11.60
CA ASP A 428 5.52 -15.54 -10.42
C ASP A 428 6.26 -15.11 -9.16
N LEU A 429 5.50 -14.77 -8.14
CA LEU A 429 5.98 -14.49 -6.76
C LEU A 429 6.79 -15.69 -6.26
N LEU A 430 6.31 -16.90 -6.56
CA LEU A 430 7.02 -18.17 -6.25
C LEU A 430 8.43 -18.17 -6.84
N GLN A 431 8.70 -17.42 -7.91
CA GLN A 431 10.06 -17.38 -8.55
C GLN A 431 10.74 -16.03 -8.25
N ASN A 432 10.39 -15.42 -7.12
CA ASN A 432 10.93 -14.13 -6.59
C ASN A 432 10.60 -12.98 -7.54
N GLY A 433 9.47 -13.06 -8.25
CA GLY A 433 8.91 -11.94 -9.02
C GLY A 433 7.79 -11.27 -8.26
N GLY A 434 7.04 -10.39 -8.93
CA GLY A 434 5.93 -9.65 -8.29
C GLY A 434 4.58 -10.15 -8.72
N ASN A 435 4.54 -11.17 -9.59
CA ASN A 435 3.29 -11.71 -10.16
C ASN A 435 2.60 -12.53 -9.08
N ILE A 436 1.74 -11.85 -8.33
CA ILE A 436 0.94 -12.36 -7.18
C ILE A 436 0.01 -13.50 -7.63
N SER A 437 -0.58 -13.35 -8.81
CA SER A 437 -1.67 -14.22 -9.31
C SER A 437 -1.09 -15.46 -10.01
N GLY A 438 0.15 -15.38 -10.46
CA GLY A 438 0.76 -16.39 -11.36
C GLY A 438 0.15 -16.36 -12.75
N ALA A 439 -0.52 -15.26 -13.13
CA ALA A 439 -1.12 -15.09 -14.48
C ALA A 439 -0.03 -15.15 -15.56
N VAL A 440 -0.31 -15.82 -16.67
CA VAL A 440 0.53 -15.75 -17.89
C VAL A 440 -0.32 -15.11 -18.99
N SER A 441 -0.20 -13.80 -19.13
CA SER A 441 -0.77 -13.03 -20.26
C SER A 441 0.37 -12.60 -21.17
N GLU A 442 0.41 -13.17 -22.37
CA GLU A 442 1.47 -12.86 -23.37
C GLU A 442 1.40 -11.36 -23.69
N THR A 443 0.21 -10.90 -24.05
CA THR A 443 -0.11 -9.50 -24.44
C THR A 443 0.31 -8.52 -23.34
N ALA A 444 -0.11 -8.79 -22.10
CA ALA A 444 0.14 -7.88 -20.95
C ALA A 444 1.63 -7.87 -20.58
N ASN A 445 2.29 -9.02 -20.63
CA ASN A 445 3.76 -9.15 -20.39
C ASN A 445 4.53 -8.28 -21.38
N ALA A 446 4.16 -8.33 -22.65
CA ALA A 446 4.84 -7.56 -23.73
C ALA A 446 4.56 -6.06 -23.51
N LEU A 447 3.31 -5.71 -23.18
CA LEU A 447 2.91 -4.30 -22.95
C LEU A 447 3.61 -3.73 -21.72
N ALA A 448 3.83 -4.54 -20.67
CA ALA A 448 4.65 -4.15 -19.49
C ALA A 448 6.08 -3.85 -19.95
N GLN A 449 6.62 -4.65 -20.87
CA GLN A 449 7.98 -4.43 -21.42
C GLN A 449 8.02 -3.16 -22.28
N GLN A 450 7.03 -2.86 -23.13
CA GLN A 450 7.10 -1.61 -23.96
C GLN A 450 6.86 -0.35 -23.11
N ALA A 451 6.12 -0.43 -21.98
CA ALA A 451 6.01 0.71 -21.05
C ALA A 451 7.41 1.11 -20.55
N ARG A 452 8.29 0.12 -20.37
CA ARG A 452 9.67 0.37 -19.87
C ARG A 452 10.56 0.96 -20.97
N THR A 453 10.37 0.55 -22.23
CA THR A 453 11.17 1.04 -23.39
C THR A 453 10.62 2.38 -23.91
N ALA A 454 9.60 2.96 -23.28
CA ALA A 454 8.83 4.09 -23.86
C ALA A 454 9.67 5.38 -23.92
N THR A 455 9.67 5.99 -25.09
CA THR A 455 10.38 7.26 -25.44
C THR A 455 9.72 8.46 -24.74
N THR A 456 8.40 8.48 -24.66
CA THR A 456 7.60 9.63 -24.17
C THR A 456 6.59 9.20 -23.13
N PRO A 457 6.14 10.15 -22.28
CA PRO A 457 5.02 9.89 -21.38
C PRO A 457 3.77 9.29 -22.05
N GLU A 458 3.47 9.70 -23.30
CA GLU A 458 2.24 9.31 -24.02
C GLU A 458 2.33 7.84 -24.45
N GLN A 459 3.49 7.41 -24.93
CA GLN A 459 3.74 5.99 -25.33
C GLN A 459 3.64 5.11 -24.07
N LYS A 460 4.10 5.63 -22.94
CA LYS A 460 4.06 4.99 -21.59
C LYS A 460 2.59 4.80 -21.17
N CYS A 461 1.75 5.85 -21.24
CA CYS A 461 0.31 5.77 -20.91
C CYS A 461 -0.42 4.80 -21.84
N ALA A 462 -0.12 4.82 -23.14
CA ALA A 462 -0.76 3.93 -24.14
C ALA A 462 -0.43 2.48 -23.82
N ALA A 463 0.82 2.20 -23.43
CA ALA A 463 1.27 0.83 -23.05
C ALA A 463 0.54 0.40 -21.75
N ASP A 464 0.56 1.24 -20.73
CA ASP A 464 -0.07 0.99 -19.41
C ASP A 464 -1.57 0.76 -19.60
N ALA A 465 -2.26 1.70 -20.27
CA ALA A 465 -3.70 1.63 -20.56
C ALA A 465 -4.07 0.34 -21.33
N GLU A 466 -3.35 0.03 -22.41
CA GLU A 466 -3.56 -1.23 -23.17
C GLU A 466 -3.29 -2.46 -22.31
N ALA A 467 -2.32 -2.40 -21.39
CA ALA A 467 -1.99 -3.52 -20.49
C ALA A 467 -3.21 -3.79 -19.58
N VAL A 468 -3.79 -2.75 -19.00
CA VAL A 468 -5.01 -2.88 -18.15
C VAL A 468 -6.17 -3.43 -18.98
N ALA A 469 -6.44 -2.86 -20.17
CA ALA A 469 -7.51 -3.35 -21.08
C ALA A 469 -7.32 -4.85 -21.37
N ALA A 470 -6.10 -5.28 -21.64
CA ALA A 470 -5.76 -6.70 -21.91
C ALA A 470 -6.06 -7.55 -20.67
N LEU A 471 -5.56 -7.14 -19.50
CA LEU A 471 -5.77 -7.87 -18.22
C LEU A 471 -7.27 -8.02 -17.92
N VAL A 472 -8.09 -7.02 -18.25
CA VAL A 472 -9.58 -7.07 -18.05
C VAL A 472 -10.20 -7.99 -19.11
N ALA A 473 -9.84 -7.83 -20.39
CA ALA A 473 -10.38 -8.62 -21.53
C ALA A 473 -10.16 -10.12 -21.34
N GLU A 474 -9.06 -10.52 -20.69
CA GLU A 474 -8.66 -11.94 -20.49
C GLU A 474 -9.07 -12.41 -19.09
N HIS A 475 -9.86 -11.60 -18.38
CA HIS A 475 -10.45 -11.92 -17.06
C HIS A 475 -9.35 -12.22 -16.04
N HIS A 476 -8.21 -11.52 -16.11
CA HIS A 476 -7.17 -11.60 -15.05
C HIS A 476 -7.56 -10.76 -13.84
N THR A 477 -8.47 -9.80 -14.00
CA THR A 477 -8.97 -8.97 -12.88
C THR A 477 -10.33 -8.40 -13.24
N VAL A 478 -10.99 -7.86 -12.23
CA VAL A 478 -12.11 -6.90 -12.40
C VAL A 478 -11.75 -5.72 -11.55
N PRO A 479 -11.56 -4.54 -12.17
CA PRO A 479 -11.27 -3.33 -11.43
C PRO A 479 -12.58 -2.90 -10.77
N LEU A 480 -12.53 -2.51 -9.49
CA LEU A 480 -13.78 -2.31 -8.73
C LEU A 480 -13.96 -0.85 -8.36
N LEU A 481 -13.17 -0.33 -7.42
CA LEU A 481 -13.45 1.01 -6.87
C LEU A 481 -12.25 1.59 -6.14
N VAL A 482 -12.33 2.88 -5.92
CA VAL A 482 -11.42 3.61 -5.00
C VAL A 482 -12.22 3.93 -3.75
N GLU A 483 -11.74 3.45 -2.60
CA GLU A 483 -12.41 3.64 -1.30
C GLU A 483 -12.06 5.01 -0.70
N SER A 484 -12.82 5.39 0.31
CA SER A 484 -12.53 6.58 1.16
C SER A 484 -12.06 6.10 2.53
N PHE A 485 -10.92 6.60 2.97
CA PHE A 485 -10.46 6.43 4.37
C PHE A 485 -11.03 7.56 5.20
N ILE A 486 -11.95 7.23 6.10
CA ILE A 486 -12.64 8.26 6.93
C ILE A 486 -12.09 8.25 8.35
N TYR A 487 -11.28 9.25 8.67
CA TYR A 487 -10.87 9.55 10.07
C TYR A 487 -12.00 10.31 10.78
N ALA A 488 -12.38 9.80 11.95
CA ALA A 488 -13.23 10.53 12.92
C ALA A 488 -12.33 10.99 14.07
N LYS A 489 -12.45 12.24 14.49
CA LYS A 489 -11.52 12.84 15.49
C LYS A 489 -12.24 13.68 16.54
N ARG A 490 -11.59 13.82 17.69
CA ARG A 490 -12.03 14.66 18.82
C ARG A 490 -11.49 16.08 18.66
N ASP A 491 -12.13 17.02 19.36
CA ASP A 491 -11.72 18.46 19.39
C ASP A 491 -10.25 18.55 19.81
N GLY A 492 -9.46 19.35 19.08
CA GLY A 492 -8.06 19.60 19.45
C GLY A 492 -7.09 18.74 18.67
N PHE A 493 -7.62 17.85 17.82
CA PHE A 493 -6.81 16.91 17.03
C PHE A 493 -7.11 17.13 15.55
N SER A 494 -6.05 17.18 14.76
CA SER A 494 -6.15 17.22 13.29
C SER A 494 -5.43 16.00 12.71
N VAL A 495 -5.70 15.74 11.43
CA VAL A 495 -4.99 14.71 10.65
C VAL A 495 -5.04 15.16 9.19
N THR A 496 -3.93 15.05 8.50
CA THR A 496 -3.81 15.50 7.10
C THR A 496 -3.07 14.44 6.29
N MET A 497 -3.54 14.23 5.06
CA MET A 497 -2.83 13.39 4.06
C MET A 497 -2.49 14.29 2.87
N LEU A 498 -1.21 14.45 2.58
CA LEU A 498 -0.73 15.44 1.59
C LEU A 498 -0.38 14.73 0.28
N GLY A 499 -0.78 15.32 -0.85
CA GLY A 499 -0.39 14.89 -2.20
C GLY A 499 -0.92 13.52 -2.59
N GLY A 500 -2.07 13.12 -2.04
CA GLY A 500 -2.67 11.80 -2.34
C GLY A 500 -1.94 10.67 -1.65
N SER A 501 -1.23 10.97 -0.56
CA SER A 501 -0.38 9.97 0.15
C SER A 501 -1.27 9.02 0.94
N LEU A 502 -0.74 7.83 1.22
CA LEU A 502 -1.52 6.74 1.87
C LEU A 502 -0.92 6.37 3.23
N ASP A 503 0.40 6.34 3.37
CA ASP A 503 1.06 5.86 4.63
C ASP A 503 1.77 7.01 5.36
N ASP A 504 1.31 8.24 5.21
CA ASP A 504 1.96 9.43 5.83
C ASP A 504 0.89 10.28 6.52
N HIS A 505 0.25 9.73 7.55
CA HIS A 505 -0.84 10.43 8.27
C HIS A 505 -0.22 11.47 9.20
N LEU A 506 -0.42 12.74 8.87
CA LEU A 506 0.17 13.87 9.65
C LEU A 506 -0.79 14.26 10.77
N PHE A 507 -0.53 13.72 11.96
CA PHE A 507 -1.27 14.01 13.21
C PHE A 507 -0.74 15.31 13.82
N ARG A 508 -1.63 16.14 14.36
CA ARG A 508 -1.25 17.41 15.04
C ARG A 508 -2.18 17.67 16.21
N ILE A 509 -1.65 18.21 17.31
CA ILE A 509 -2.48 18.74 18.44
C ILE A 509 -2.69 20.27 18.18
N THR A 510 -3.99 20.77 18.13
CA THR A 510 -4.44 22.19 17.81
C THR A 510 -4.91 22.92 19.09
#